data_3NRS
#
_entry.id   3NRS
#
_cell.length_a   62.628
_cell.length_b   83.275
_cell.length_c   126.740
_cell.angle_alpha   90.00
_cell.angle_beta   90.00
_cell.angle_gamma   90.00
#
_symmetry.space_group_name_H-M   'P 21 21 21'
#
loop_
_entity.id
_entity.type
_entity.pdbx_description
1 polymer 'Dihydrofolate:folylpolyglutamate synthetase'
2 non-polymer 'L(+)-TARTARIC ACID'
3 non-polymer GLYCEROL
4 non-polymer '2-(N-MORPHOLINO)-ETHANESULFONIC ACID'
5 water water
#
_entity_poly.entity_id   1
_entity_poly.type   'polypeptide(L)'
_entity_poly.pdbx_seq_one_letter_code
;SNAMNNHQTPQATSPLAAWLCYLEHLHSQPIELGLERVKQVAERLDLLKPAPKIFTVAGTNGKGTTCCTLEAILLAAGLR
VGVYSSPHLLRYTERVRIQGQELSEAEHSHSFAQIEAGRGDISLTYFEFGTLSALQLFKQAKLDVVILEVGLGGRLDATN
IVDSDVAAITSIALDHTDWLGYDRESIGREKAGVFRGGKPAVVGEPDMPQSIADVAAELGAQLYRRDVAWKFSQQEPFDQ
QEPVDQQINGWHWQCGERQLTGLPVPNVPLANAATALAVLHYSELPLSDEAIRQGLQAASLPGRFQVVSEQPLLILDVAH
NPHAARYLVNRLAQVINPVNASKQGKVRAVVGMLSDKDIAGTLACLSERVDEWYCAPLEGPRGASAGQLAEHLVSARQFS
DVETAWRQAMQDADTQDVVIVCGSFHTVAHVMAALHL
;
_entity_poly.pdbx_strand_id   A
#
# COMPACT_ATOMS: atom_id res chain seq x y z
N GLN A 8 11.21 -28.49 -9.90
CA GLN A 8 11.04 -29.33 -8.69
C GLN A 8 10.32 -28.55 -7.57
N THR A 9 9.69 -29.25 -6.64
CA THR A 9 8.90 -28.55 -5.61
C THR A 9 9.78 -28.34 -4.41
N PRO A 10 9.88 -27.10 -3.90
CA PRO A 10 10.68 -26.91 -2.70
C PRO A 10 10.05 -27.59 -1.50
N GLN A 11 10.83 -27.67 -0.45
CA GLN A 11 10.40 -28.25 0.82
C GLN A 11 10.40 -27.23 1.92
N ALA A 12 9.92 -27.61 3.10
CA ALA A 12 9.87 -26.73 4.23
C ALA A 12 11.25 -26.17 4.59
N THR A 13 12.30 -26.96 4.35
CA THR A 13 13.64 -26.58 4.78
C THR A 13 14.37 -25.88 3.64
N SER A 14 13.71 -25.69 2.52
CA SER A 14 14.35 -25.03 1.37
C SER A 14 14.49 -23.51 1.61
N PRO A 15 15.46 -22.87 0.95
CA PRO A 15 15.59 -21.42 1.12
C PRO A 15 14.34 -20.71 0.62
N LEU A 16 14.03 -19.58 1.22
CA LEU A 16 12.88 -18.83 0.76
C LEU A 16 13.00 -18.49 -0.72
N ALA A 17 14.19 -18.15 -1.17
CA ALA A 17 14.39 -17.82 -2.57
C ALA A 17 13.89 -18.96 -3.52
N ALA A 18 14.09 -20.22 -3.09
CA ALA A 18 13.62 -21.35 -3.90
C ALA A 18 12.07 -21.38 -3.94
N TRP A 19 11.44 -21.01 -2.83
CA TRP A 19 9.96 -20.91 -2.79
C TRP A 19 9.46 -19.80 -3.74
N LEU A 20 10.13 -18.66 -3.73
CA LEU A 20 9.71 -17.51 -4.57
C LEU A 20 9.87 -17.83 -6.08
N CYS A 21 10.91 -18.58 -6.42
CA CYS A 21 11.11 -19.05 -7.80
C CYS A 21 9.98 -20.00 -8.24
N TYR A 22 9.65 -20.96 -7.39
CA TYR A 22 8.52 -21.87 -7.63
C TYR A 22 7.23 -21.11 -7.85
N LEU A 23 6.93 -20.17 -6.95
CA LEU A 23 5.71 -19.39 -7.07
C LEU A 23 5.71 -18.49 -8.32
N GLU A 24 6.88 -17.98 -8.70
CA GLU A 24 6.99 -17.09 -9.87
C GLU A 24 6.72 -17.86 -11.16
N HIS A 25 6.87 -19.17 -11.12
CA HIS A 25 6.55 -19.99 -12.27
C HIS A 25 5.14 -20.58 -12.28
N LEU A 26 4.34 -20.38 -11.22
CA LEU A 26 2.94 -20.82 -11.27
C LEU A 26 2.23 -20.20 -12.48
N GLY A 34 -14.07 -17.91 -9.77
CA GLY A 34 -13.53 -16.70 -9.12
C GLY A 34 -12.55 -16.98 -7.98
N LEU A 35 -12.98 -16.75 -6.76
CA LEU A 35 -12.21 -17.07 -5.57
C LEU A 35 -12.39 -18.52 -5.12
N GLU A 36 -13.02 -19.36 -5.94
CA GLU A 36 -13.46 -20.65 -5.46
C GLU A 36 -12.25 -21.51 -5.08
N ARG A 37 -11.19 -21.44 -5.86
CA ARG A 37 -10.01 -22.28 -5.61
C ARG A 37 -9.26 -21.88 -4.32
N VAL A 38 -8.92 -20.59 -4.19
CA VAL A 38 -8.20 -20.13 -3.00
C VAL A 38 -9.06 -20.31 -1.75
N LYS A 39 -10.37 -20.09 -1.88
CA LYS A 39 -11.30 -20.32 -0.77
C LYS A 39 -11.28 -21.78 -0.30
N GLN A 40 -11.28 -22.72 -1.25
CA GLN A 40 -11.37 -24.14 -0.90
C GLN A 40 -10.12 -24.58 -0.10
N VAL A 41 -8.96 -24.07 -0.49
CA VAL A 41 -7.74 -24.35 0.24
C VAL A 41 -7.75 -23.77 1.65
N ALA A 42 -8.18 -22.51 1.79
CA ALA A 42 -8.29 -21.88 3.10
C ALA A 42 -9.24 -22.65 4.03
N GLU A 43 -10.31 -23.19 3.46
CA GLU A 43 -11.25 -23.98 4.24
C GLU A 43 -10.57 -25.27 4.75
N ARG A 44 -9.86 -25.97 3.88
CA ARG A 44 -9.09 -27.17 4.29
C ARG A 44 -8.08 -26.90 5.43
N LEU A 45 -7.50 -25.70 5.45
CA LEU A 45 -6.47 -25.39 6.43
C LEU A 45 -6.97 -24.52 7.61
N ASP A 46 -8.28 -24.28 7.66
CA ASP A 46 -8.94 -23.44 8.67
C ASP A 46 -8.21 -22.10 8.79
N LEU A 47 -8.07 -21.44 7.65
CA LEU A 47 -7.40 -20.11 7.60
C LEU A 47 -8.31 -18.89 7.43
N LEU A 48 -9.61 -19.07 7.52
CA LEU A 48 -10.50 -17.93 7.25
C LEU A 48 -10.65 -16.96 8.42
N LYS A 49 -10.13 -17.31 9.60
CA LYS A 49 -10.36 -16.52 10.80
C LYS A 49 -9.05 -16.37 11.55
N PRO A 50 -8.09 -15.68 10.92
CA PRO A 50 -6.74 -15.49 11.47
C PRO A 50 -6.71 -14.74 12.80
N ALA A 51 -7.70 -13.92 13.11
CA ALA A 51 -7.75 -13.23 14.36
C ALA A 51 -9.20 -12.93 14.61
N PRO A 52 -9.56 -12.59 15.85
CA PRO A 52 -10.96 -12.26 16.16
C PRO A 52 -11.48 -10.96 15.57
N LYS A 53 -10.58 -10.08 15.15
CA LYS A 53 -10.96 -8.83 14.52
C LYS A 53 -10.12 -8.72 13.24
N ILE A 54 -10.77 -8.44 12.11
CA ILE A 54 -10.13 -8.37 10.83
C ILE A 54 -10.55 -7.08 10.12
N PHE A 55 -9.54 -6.32 9.66
CA PHE A 55 -9.80 -5.11 8.89
C PHE A 55 -9.23 -5.33 7.49
N THR A 56 -10.03 -5.10 6.47
CA THR A 56 -9.59 -5.26 5.10
C THR A 56 -9.61 -3.90 4.45
N VAL A 57 -8.48 -3.54 3.83
CA VAL A 57 -8.26 -2.20 3.32
C VAL A 57 -7.97 -2.26 1.81
N ALA A 58 -8.90 -1.70 1.03
CA ALA A 58 -8.80 -1.57 -0.42
C ALA A 58 -8.54 -0.13 -0.76
N GLY A 59 -8.26 0.11 -2.00
CA GLY A 59 -7.97 1.46 -2.47
C GLY A 59 -6.91 1.46 -3.53
N THR A 60 -6.86 2.53 -4.30
CA THR A 60 -5.85 2.61 -5.33
C THR A 60 -4.52 2.99 -4.67
N ASN A 61 -4.54 4.13 -4.00
CA ASN A 61 -3.39 4.65 -3.24
C ASN A 61 -3.76 4.74 -1.76
N GLY A 62 -2.73 4.80 -0.92
CA GLY A 62 -2.92 5.04 0.52
C GLY A 62 -3.25 3.82 1.34
N LYS A 63 -3.29 2.64 0.75
CA LYS A 63 -3.58 1.42 1.53
C LYS A 63 -2.44 1.18 2.53
N GLY A 64 -1.19 1.29 2.05
CA GLY A 64 -0.05 1.04 2.93
C GLY A 64 -0.06 1.94 4.16
N THR A 65 -0.17 3.26 3.94
CA THR A 65 -0.05 4.16 5.07
C THR A 65 -1.30 4.16 5.96
N THR A 66 -2.46 3.82 5.42
CA THR A 66 -3.66 3.56 6.22
C THR A 66 -3.44 2.39 7.14
N CYS A 67 -2.93 1.30 6.58
CA CYS A 67 -2.64 0.10 7.36
C CYS A 67 -1.54 0.31 8.42
N CYS A 68 -0.52 1.08 8.09
CA CYS A 68 0.56 1.30 9.03
C CYS A 68 0.11 2.22 10.20
N THR A 69 -0.88 3.09 9.95
CA THR A 69 -1.48 3.89 11.00
C THR A 69 -2.35 3.03 11.89
N LEU A 70 -3.21 2.20 11.30
CA LEU A 70 -3.98 1.19 12.09
C LEU A 70 -3.05 0.38 12.99
N GLU A 71 -2.00 -0.15 12.39
CA GLU A 71 -1.06 -1.01 13.10
C GLU A 71 -0.42 -0.27 14.25
N ALA A 72 0.12 0.92 14.00
CA ALA A 72 0.81 1.71 15.02
C ALA A 72 -0.06 2.01 16.23
N ILE A 73 -1.32 2.39 15.97
CA ILE A 73 -2.28 2.69 17.05
C ILE A 73 -2.64 1.43 17.82
N LEU A 74 -2.88 0.35 17.09
CA LEU A 74 -3.27 -0.90 17.75
C LEU A 74 -2.13 -1.52 18.59
N LEU A 75 -0.90 -1.45 18.07
CA LEU A 75 0.26 -1.85 18.87
C LEU A 75 0.43 -0.96 20.11
N ALA A 76 0.24 0.33 19.95
CA ALA A 76 0.34 1.27 21.10
C ALA A 76 -0.71 0.95 22.12
N ALA A 77 -1.84 0.42 21.70
CA ALA A 77 -2.88 -0.05 22.60
C ALA A 77 -2.64 -1.38 23.28
N GLY A 78 -1.50 -1.98 23.03
CA GLY A 78 -1.11 -3.21 23.69
C GLY A 78 -1.66 -4.46 23.06
N LEU A 79 -2.11 -4.36 21.81
CA LEU A 79 -2.76 -5.44 21.13
C LEU A 79 -1.74 -6.22 20.31
N ARG A 80 -2.03 -7.47 20.01
CA ARG A 80 -1.21 -8.26 19.08
C ARG A 80 -1.80 -8.12 17.68
N VAL A 81 -0.96 -7.69 16.75
CA VAL A 81 -1.46 -7.24 15.46
C VAL A 81 -0.63 -7.83 14.35
N GLY A 82 -1.28 -8.25 13.28
CA GLY A 82 -0.58 -8.64 12.08
C GLY A 82 -1.03 -7.80 10.91
N VAL A 83 -0.10 -7.54 9.98
CA VAL A 83 -0.43 -6.82 8.77
C VAL A 83 0.12 -7.58 7.54
N TYR A 84 -0.75 -7.74 6.56
CA TYR A 84 -0.36 -8.29 5.26
C TYR A 84 -0.38 -7.19 4.23
N SER A 85 0.74 -6.92 3.60
CA SER A 85 0.82 -5.84 2.62
C SER A 85 1.62 -6.33 1.41
N SER A 86 1.49 -5.62 0.31
CA SER A 86 2.14 -5.99 -0.92
C SER A 86 2.08 -4.73 -1.81
N PRO A 87 3.03 -4.58 -2.73
CA PRO A 87 4.17 -5.46 -2.96
C PRO A 87 5.26 -5.13 -1.91
N HIS A 88 6.48 -5.60 -2.13
CA HIS A 88 7.58 -5.33 -1.22
C HIS A 88 8.65 -4.58 -1.97
N LEU A 89 9.56 -4.02 -1.20
CA LEU A 89 10.68 -3.27 -1.77
C LEU A 89 11.91 -4.15 -1.95
N LEU A 90 12.48 -4.61 -0.85
CA LEU A 90 13.74 -5.37 -0.87
C LEU A 90 13.58 -6.82 -0.49
N ARG A 91 12.63 -7.13 0.38
CA ARG A 91 12.51 -8.47 0.96
C ARG A 91 11.08 -8.91 0.92
N TYR A 92 10.85 -10.14 0.48
CA TYR A 92 9.50 -10.71 0.58
C TYR A 92 8.93 -10.69 1.99
N THR A 93 9.81 -10.87 2.96
CA THR A 93 9.43 -10.89 4.34
C THR A 93 8.74 -9.56 4.80
N GLU A 94 8.95 -8.46 4.06
CA GLU A 94 8.20 -7.23 4.34
C GLU A 94 6.68 -7.46 4.31
N ARG A 95 6.21 -8.47 3.58
CA ARG A 95 4.78 -8.64 3.36
C ARG A 95 3.96 -9.08 4.57
N VAL A 96 4.61 -9.62 5.59
CA VAL A 96 3.91 -10.11 6.76
C VAL A 96 4.62 -9.53 8.01
N ARG A 97 3.96 -8.57 8.65
CA ARG A 97 4.45 -8.00 9.89
C ARG A 97 3.63 -8.54 11.01
N ILE A 98 4.29 -8.95 12.08
CA ILE A 98 3.64 -9.33 13.32
C ILE A 98 4.35 -8.55 14.42
N GLN A 99 3.56 -7.82 15.23
CA GLN A 99 4.04 -6.88 16.23
C GLN A 99 5.00 -5.87 15.61
N GLY A 100 4.69 -5.48 14.39
CA GLY A 100 5.46 -4.49 13.70
C GLY A 100 6.75 -4.95 13.04
N GLN A 101 7.05 -6.23 13.14
CA GLN A 101 8.32 -6.77 12.72
C GLN A 101 8.18 -7.91 11.70
N GLU A 102 9.22 -8.08 10.91
CA GLU A 102 9.22 -9.16 9.91
C GLU A 102 9.59 -10.48 10.57
N LEU A 103 9.11 -11.55 9.99
CA LEU A 103 9.45 -12.92 10.42
C LEU A 103 10.70 -13.39 9.68
N SER A 104 11.29 -14.49 10.19
CA SER A 104 12.44 -15.08 9.51
C SER A 104 12.02 -15.70 8.17
N GLU A 105 12.97 -15.81 7.26
CA GLU A 105 12.73 -16.53 6.01
C GLU A 105 12.31 -17.97 6.27
N ALA A 106 12.91 -18.58 7.27
CA ALA A 106 12.54 -19.95 7.62
C ALA A 106 11.06 -20.09 7.93
N GLU A 107 10.46 -19.12 8.65
CA GLU A 107 9.05 -19.22 8.98
C GLU A 107 8.20 -19.19 7.68
N HIS A 108 8.63 -18.40 6.72
CA HIS A 108 7.92 -18.30 5.45
C HIS A 108 8.00 -19.60 4.66
N SER A 109 9.21 -20.14 4.56
CA SER A 109 9.40 -21.40 3.83
C SER A 109 8.55 -22.52 4.45
N HIS A 110 8.53 -22.60 5.77
CA HIS A 110 7.68 -23.61 6.45
C HIS A 110 6.18 -23.38 6.21
N SER A 111 5.74 -22.13 6.20
CA SER A 111 4.34 -21.82 5.95
C SER A 111 3.97 -22.19 4.49
N PHE A 112 4.80 -21.81 3.52
CA PHE A 112 4.57 -22.14 2.15
C PHE A 112 4.46 -23.66 1.93
N ALA A 113 5.35 -24.39 2.55
CA ALA A 113 5.30 -25.85 2.47
C ALA A 113 3.94 -26.38 3.00
N GLN A 114 3.40 -25.79 4.06
CA GLN A 114 2.07 -26.20 4.57
C GLN A 114 0.94 -25.90 3.58
N ILE A 115 1.04 -24.76 2.88
CA ILE A 115 0.06 -24.45 1.83
C ILE A 115 0.20 -25.44 0.68
N GLU A 116 1.44 -25.75 0.33
CA GLU A 116 1.70 -26.65 -0.77
C GLU A 116 1.09 -28.02 -0.48
N ALA A 117 1.27 -28.53 0.73
CA ALA A 117 0.75 -29.85 1.10
C ALA A 117 -0.78 -29.76 1.18
N GLY A 118 -1.25 -28.66 1.74
CA GLY A 118 -2.66 -28.45 1.97
C GLY A 118 -3.52 -28.26 0.73
N ARG A 119 -2.96 -27.75 -0.36
CA ARG A 119 -3.80 -27.42 -1.52
C ARG A 119 -4.16 -28.65 -2.33
N GLY A 120 -3.41 -29.74 -2.14
CA GLY A 120 -3.60 -30.97 -2.90
C GLY A 120 -3.41 -30.74 -4.39
N ASP A 121 -4.53 -30.78 -5.14
CA ASP A 121 -4.49 -30.75 -6.59
C ASP A 121 -5.00 -29.43 -7.16
N ILE A 122 -5.36 -28.49 -6.27
CA ILE A 122 -5.98 -27.22 -6.64
C ILE A 122 -4.87 -26.25 -7.03
N SER A 123 -4.98 -25.62 -8.19
CA SER A 123 -3.93 -24.70 -8.58
C SER A 123 -4.20 -23.35 -7.90
N LEU A 124 -3.13 -22.67 -7.54
CA LEU A 124 -3.21 -21.33 -6.93
C LEU A 124 -2.26 -20.42 -7.70
N THR A 125 -2.60 -19.14 -7.77
CA THR A 125 -1.64 -18.10 -8.25
C THR A 125 -0.62 -17.71 -7.18
N TYR A 126 0.40 -16.95 -7.59
CA TYR A 126 1.46 -16.45 -6.72
C TYR A 126 0.81 -15.71 -5.54
N PHE A 127 -0.10 -14.80 -5.84
CA PHE A 127 -0.70 -13.95 -4.78
C PHE A 127 -1.65 -14.73 -3.89
N GLU A 128 -2.39 -15.69 -4.47
CA GLU A 128 -3.24 -16.52 -3.67
C GLU A 128 -2.40 -17.34 -2.69
N PHE A 129 -1.33 -17.93 -3.21
CA PHE A 129 -0.40 -18.72 -2.43
C PHE A 129 0.20 -17.87 -1.30
N GLY A 130 0.68 -16.69 -1.63
CA GLY A 130 1.24 -15.80 -0.61
C GLY A 130 0.22 -15.35 0.41
N THR A 131 -1.03 -15.17 -0.05
CA THR A 131 -2.10 -14.77 0.83
C THR A 131 -2.47 -15.87 1.80
N LEU A 132 -2.60 -17.10 1.30
CA LEU A 132 -2.85 -18.22 2.22
C LEU A 132 -1.69 -18.41 3.20
N SER A 133 -0.44 -18.23 2.75
CA SER A 133 0.71 -18.35 3.65
C SER A 133 0.65 -17.31 4.78
N ALA A 134 0.34 -16.06 4.43
CA ALA A 134 0.17 -15.04 5.42
C ALA A 134 -0.90 -15.40 6.45
N LEU A 135 -2.05 -15.88 5.98
CA LEU A 135 -3.11 -16.23 6.89
C LEU A 135 -2.67 -17.30 7.88
N GLN A 136 -1.88 -18.24 7.38
CA GLN A 136 -1.35 -19.33 8.18
C GLN A 136 -0.35 -18.79 9.22
N LEU A 137 0.48 -17.82 8.82
CA LEU A 137 1.38 -17.24 9.76
C LEU A 137 0.64 -16.47 10.84
N PHE A 138 -0.41 -15.74 10.44
CA PHE A 138 -1.19 -14.94 11.37
C PHE A 138 -1.93 -15.86 12.35
N LYS A 139 -2.52 -16.93 11.82
CA LYS A 139 -3.32 -17.86 12.63
C LYS A 139 -2.52 -18.42 13.81
N GLN A 140 -1.26 -18.77 13.55
CA GLN A 140 -0.34 -19.39 14.53
C GLN A 140 0.14 -18.40 15.59
N ALA A 141 0.10 -17.10 15.26
CA ALA A 141 0.65 -16.07 16.07
C ALA A 141 -0.26 -15.54 17.19
N LYS A 142 -1.48 -16.04 17.31
CA LYS A 142 -2.38 -15.66 18.42
C LYS A 142 -2.58 -14.17 18.51
N LEU A 143 -3.14 -13.65 17.44
CA LEU A 143 -3.27 -12.20 17.25
C LEU A 143 -4.65 -11.73 17.70
N ASP A 144 -4.72 -10.44 18.04
CA ASP A 144 -6.00 -9.79 18.37
C ASP A 144 -6.65 -9.25 17.12
N VAL A 145 -5.83 -8.62 16.26
CA VAL A 145 -6.32 -7.97 15.06
C VAL A 145 -5.38 -8.28 13.90
N VAL A 146 -5.97 -8.59 12.76
CA VAL A 146 -5.27 -8.73 11.49
C VAL A 146 -5.78 -7.70 10.48
N ILE A 147 -4.83 -7.03 9.83
CA ILE A 147 -5.09 -6.01 8.84
C ILE A 147 -4.62 -6.54 7.48
N LEU A 148 -5.53 -6.63 6.52
CA LEU A 148 -5.27 -7.20 5.20
C LEU A 148 -5.32 -6.10 4.15
N GLU A 149 -4.18 -5.77 3.53
CA GLU A 149 -4.19 -4.87 2.41
C GLU A 149 -4.57 -5.69 1.18
N VAL A 150 -5.58 -5.23 0.47
CA VAL A 150 -5.99 -5.85 -0.79
C VAL A 150 -4.84 -5.80 -1.84
N GLY A 151 -4.66 -6.87 -2.58
CA GLY A 151 -3.70 -6.82 -3.68
C GLY A 151 -4.13 -5.91 -4.79
N LEU A 152 -5.23 -6.24 -5.47
CA LEU A 152 -5.72 -5.45 -6.58
C LEU A 152 -7.24 -5.54 -6.50
N GLY A 153 -7.94 -4.48 -6.92
CA GLY A 153 -9.40 -4.53 -6.97
C GLY A 153 -10.05 -4.76 -5.61
N GLY A 154 -10.84 -5.81 -5.50
CA GLY A 154 -11.49 -6.05 -4.27
C GLY A 154 -12.27 -7.32 -4.28
N ARG A 155 -13.32 -7.30 -5.08
CA ARG A 155 -14.27 -8.41 -5.14
C ARG A 155 -13.63 -9.78 -5.39
N LEU A 156 -12.65 -9.81 -6.26
CA LEU A 156 -11.98 -11.06 -6.68
C LEU A 156 -10.55 -11.21 -6.13
N ASP A 157 -10.15 -10.36 -5.17
CA ASP A 157 -8.81 -10.44 -4.61
C ASP A 157 -8.75 -11.54 -3.62
N ALA A 158 -7.59 -12.17 -3.50
CA ALA A 158 -7.46 -13.30 -2.57
C ALA A 158 -7.77 -12.88 -1.14
N THR A 159 -7.50 -11.62 -0.76
CA THR A 159 -7.74 -11.20 0.61
C THR A 159 -9.25 -11.19 0.92
N ASN A 160 -10.08 -11.18 -0.12
CA ASN A 160 -11.55 -11.13 0.04
C ASN A 160 -12.19 -12.48 0.38
N ILE A 161 -11.38 -13.52 0.60
CA ILE A 161 -11.93 -14.79 1.13
C ILE A 161 -12.24 -14.66 2.62
N VAL A 162 -11.62 -13.68 3.28
CA VAL A 162 -11.77 -13.50 4.71
C VAL A 162 -12.91 -12.52 4.95
N ASP A 163 -13.81 -12.87 5.87
CA ASP A 163 -14.89 -11.94 6.25
C ASP A 163 -14.36 -10.95 7.28
N SER A 164 -14.29 -9.67 6.88
CA SER A 164 -13.78 -8.64 7.74
C SER A 164 -14.86 -8.09 8.65
N ASP A 165 -14.40 -7.55 9.75
CA ASP A 165 -15.23 -6.81 10.68
C ASP A 165 -15.52 -5.38 10.23
N VAL A 166 -14.49 -4.74 9.63
CA VAL A 166 -14.62 -3.44 9.03
C VAL A 166 -13.84 -3.52 7.72
N ALA A 167 -14.38 -2.94 6.65
CA ALA A 167 -13.67 -2.85 5.37
C ALA A 167 -13.61 -1.40 4.98
N ALA A 168 -12.54 -1.04 4.28
CA ALA A 168 -12.32 0.34 3.90
C ALA A 168 -11.87 0.48 2.44
N ILE A 169 -12.20 1.61 1.86
CA ILE A 169 -11.65 2.07 0.62
C ILE A 169 -10.96 3.36 0.88
N THR A 170 -9.65 3.40 0.61
CA THR A 170 -8.83 4.57 0.95
C THR A 170 -8.93 5.68 -0.10
N SER A 171 -8.99 5.32 -1.38
CA SER A 171 -8.96 6.26 -2.46
C SER A 171 -9.33 5.52 -3.75
N ILE A 172 -9.80 6.29 -4.70
CA ILE A 172 -10.08 5.82 -6.05
C ILE A 172 -9.30 6.65 -7.03
N ALA A 173 -8.49 5.97 -7.83
CA ALA A 173 -7.71 6.68 -8.83
C ALA A 173 -7.38 5.66 -9.92
N LEU A 174 -7.11 6.16 -11.11
CA LEU A 174 -6.77 5.30 -12.22
C LEU A 174 -5.24 5.11 -12.26
N ASP A 175 -4.81 3.86 -12.19
CA ASP A 175 -3.38 3.54 -12.21
C ASP A 175 -2.92 3.13 -13.63
N HIS A 176 -3.84 3.03 -14.57
CA HIS A 176 -3.51 2.55 -15.90
C HIS A 176 -4.04 3.51 -16.95
N THR A 177 -3.77 3.20 -18.22
CA THR A 177 -4.11 4.08 -19.31
C THR A 177 -5.57 3.90 -19.74
N ASP A 178 -6.03 4.83 -20.58
CA ASP A 178 -7.40 4.80 -21.15
C ASP A 178 -7.80 3.46 -21.67
N TRP A 179 -9.02 3.03 -21.39
CA TRP A 179 -9.55 1.77 -21.89
C TRP A 179 -11.05 1.82 -21.80
N LEU A 180 -11.77 1.15 -22.72
CA LEU A 180 -13.21 1.20 -22.64
C LEU A 180 -13.73 0.65 -21.32
N GLY A 181 -14.68 1.35 -20.73
CA GLY A 181 -15.35 0.86 -19.54
C GLY A 181 -14.47 1.00 -18.27
N TYR A 182 -13.33 1.65 -18.39
CA TYR A 182 -12.39 1.80 -17.28
C TYR A 182 -12.44 3.22 -16.78
N ASP A 183 -13.00 3.39 -15.58
CA ASP A 183 -13.17 4.74 -15.03
C ASP A 183 -13.34 4.63 -13.50
N ARG A 184 -13.60 5.75 -12.85
CA ARG A 184 -13.75 5.74 -11.38
C ARG A 184 -14.89 4.84 -10.98
N GLU A 185 -15.97 4.80 -11.81
CA GLU A 185 -17.09 3.97 -11.46
C GLU A 185 -16.77 2.48 -11.51
N SER A 186 -16.08 2.04 -12.56
CA SER A 186 -15.73 0.63 -12.70
C SER A 186 -14.75 0.17 -11.62
N ILE A 187 -13.77 1.01 -11.38
CA ILE A 187 -12.76 0.74 -10.32
C ILE A 187 -13.43 0.65 -8.94
N GLY A 188 -14.30 1.61 -8.63
CA GLY A 188 -15.04 1.67 -7.38
C GLY A 188 -15.90 0.43 -7.13
N ARG A 189 -16.58 -0.04 -8.19
CA ARG A 189 -17.43 -1.19 -8.04
C ARG A 189 -16.67 -2.41 -7.58
N GLU A 190 -15.52 -2.65 -8.18
CA GLU A 190 -14.72 -3.81 -7.84
C GLU A 190 -14.16 -3.69 -6.43
N LYS A 191 -13.73 -2.51 -6.06
CA LYS A 191 -13.20 -2.35 -4.70
C LYS A 191 -14.24 -2.56 -3.61
N ALA A 192 -15.49 -2.15 -3.87
CA ALA A 192 -16.59 -2.26 -2.92
C ALA A 192 -16.97 -3.72 -2.62
N GLY A 193 -16.49 -4.63 -3.45
CA GLY A 193 -16.56 -6.08 -3.18
C GLY A 193 -16.03 -6.57 -1.86
N VAL A 194 -15.12 -5.82 -1.22
CA VAL A 194 -14.63 -6.15 0.13
C VAL A 194 -15.63 -5.88 1.24
N PHE A 195 -16.69 -5.12 0.96
CA PHE A 195 -17.66 -4.80 2.01
C PHE A 195 -18.45 -6.06 2.39
N ARG A 196 -19.07 -6.01 3.55
CA ARG A 196 -19.84 -7.13 4.09
C ARG A 196 -21.15 -6.63 4.65
N GLY A 197 -22.20 -7.42 4.42
CA GLY A 197 -23.50 -7.17 5.00
C GLY A 197 -23.46 -6.96 6.50
N GLY A 198 -24.09 -5.90 6.94
CA GLY A 198 -24.17 -5.64 8.37
C GLY A 198 -22.91 -5.11 9.01
N LYS A 199 -21.89 -4.78 8.20
CA LYS A 199 -20.62 -4.33 8.72
C LYS A 199 -20.29 -2.94 8.19
N PRO A 200 -19.48 -2.18 8.94
CA PRO A 200 -19.05 -0.85 8.51
C PRO A 200 -18.21 -0.94 7.23
N ALA A 201 -18.51 -0.01 6.34
CA ALA A 201 -17.87 0.11 5.05
C ALA A 201 -17.39 1.54 4.99
N VAL A 202 -16.11 1.73 5.25
CA VAL A 202 -15.55 3.05 5.44
C VAL A 202 -15.00 3.52 4.10
N VAL A 203 -15.37 4.71 3.66
CA VAL A 203 -14.88 5.22 2.44
C VAL A 203 -14.14 6.53 2.65
N GLY A 204 -12.83 6.47 2.46
CA GLY A 204 -11.96 7.64 2.65
C GLY A 204 -11.71 8.46 1.43
N GLU A 205 -12.32 8.07 0.30
CA GLU A 205 -12.24 8.85 -0.91
C GLU A 205 -13.29 9.97 -0.85
N PRO A 206 -12.86 11.23 -0.99
CA PRO A 206 -13.82 12.30 -0.89
C PRO A 206 -14.72 12.43 -2.14
N ASP A 207 -14.25 12.04 -3.31
CA ASP A 207 -15.07 12.13 -4.52
C ASP A 207 -15.52 10.72 -4.85
N MET A 208 -16.49 10.22 -4.10
CA MET A 208 -16.81 8.82 -4.18
C MET A 208 -17.67 8.50 -5.43
N PRO A 209 -17.25 7.54 -6.25
CA PRO A 209 -18.17 7.09 -7.29
C PRO A 209 -19.45 6.43 -6.75
N GLN A 210 -20.53 6.63 -7.51
CA GLN A 210 -21.83 6.13 -7.12
C GLN A 210 -21.84 4.62 -6.98
N SER A 211 -21.04 3.93 -7.79
CA SER A 211 -21.01 2.46 -7.77
C SER A 211 -20.67 1.90 -6.39
N ILE A 212 -19.87 2.63 -5.62
CA ILE A 212 -19.53 2.17 -4.27
C ILE A 212 -20.78 2.16 -3.38
N ALA A 213 -21.56 3.22 -3.46
CA ALA A 213 -22.85 3.28 -2.72
C ALA A 213 -23.82 2.18 -3.20
N ASP A 214 -23.85 1.93 -4.50
CA ASP A 214 -24.74 0.89 -5.08
C ASP A 214 -24.37 -0.51 -4.56
N VAL A 215 -23.06 -0.82 -4.51
CA VAL A 215 -22.61 -2.11 -4.02
C VAL A 215 -22.87 -2.25 -2.55
N ALA A 216 -22.56 -1.18 -1.80
CA ALA A 216 -22.79 -1.18 -0.36
C ALA A 216 -24.29 -1.47 -0.09
N ALA A 217 -25.15 -0.81 -0.84
CA ALA A 217 -26.63 -0.99 -0.78
C ALA A 217 -27.07 -2.43 -1.16
N GLU A 218 -26.59 -2.98 -2.29
CA GLU A 218 -26.89 -4.38 -2.65
C GLU A 218 -26.43 -5.32 -1.53
N LEU A 219 -25.28 -5.05 -0.93
CA LEU A 219 -24.74 -5.95 0.07
C LEU A 219 -25.40 -5.77 1.43
N GLY A 220 -25.99 -4.61 1.67
CA GLY A 220 -26.46 -4.27 3.00
C GLY A 220 -25.39 -3.84 3.97
N ALA A 221 -24.26 -3.34 3.46
CA ALA A 221 -23.23 -2.79 4.31
C ALA A 221 -23.61 -1.41 4.82
N GLN A 222 -22.99 -0.97 5.90
CA GLN A 222 -23.24 0.35 6.50
C GLN A 222 -22.19 1.30 5.99
N LEU A 223 -22.56 2.14 5.02
CA LEU A 223 -21.62 3.02 4.37
C LEU A 223 -21.32 4.26 5.23
N TYR A 224 -20.05 4.52 5.46
CA TYR A 224 -19.61 5.63 6.30
C TYR A 224 -18.55 6.40 5.52
N ARG A 225 -19.01 7.46 4.85
CA ARG A 225 -18.21 8.24 3.90
C ARG A 225 -17.55 9.44 4.51
N ARG A 226 -16.29 9.65 4.12
CA ARG A 226 -15.61 10.91 4.40
C ARG A 226 -16.50 12.07 3.85
N ASP A 227 -16.57 13.13 4.65
CA ASP A 227 -17.37 14.33 4.42
C ASP A 227 -18.89 14.12 4.49
N VAL A 228 -19.32 12.94 4.95
CA VAL A 228 -20.72 12.72 5.24
C VAL A 228 -20.83 12.23 6.69
N ALA A 229 -20.31 11.05 6.96
CA ALA A 229 -20.33 10.45 8.27
C ALA A 229 -19.19 10.95 9.16
N TRP A 230 -18.01 11.20 8.59
CA TRP A 230 -16.87 11.68 9.35
C TRP A 230 -16.00 12.57 8.47
N LYS A 231 -15.12 13.33 9.09
CA LYS A 231 -14.27 14.27 8.38
C LYS A 231 -13.11 14.67 9.22
N PHE A 232 -12.19 15.44 8.64
CA PHE A 232 -11.04 15.87 9.41
C PHE A 232 -10.62 17.22 8.88
N SER A 233 -9.82 17.93 9.68
CA SER A 233 -9.30 19.20 9.24
C SER A 233 -7.97 19.47 9.94
N GLN A 234 -7.12 20.28 9.31
CA GLN A 234 -5.80 20.62 9.87
C GLN A 234 -5.73 22.13 10.18
N ASN A 249 -1.55 23.49 16.51
CA ASN A 249 -0.98 23.16 15.20
C ASN A 249 -1.00 21.63 14.93
N GLY A 250 -2.05 21.00 15.45
CA GLY A 250 -2.31 19.60 15.19
C GLY A 250 -3.40 19.53 14.13
N TRP A 251 -4.24 18.50 14.25
CA TRP A 251 -5.38 18.35 13.38
C TRP A 251 -6.54 17.76 14.17
N HIS A 252 -7.71 17.72 13.56
CA HIS A 252 -8.93 17.28 14.24
C HIS A 252 -9.64 16.25 13.40
N TRP A 253 -10.24 15.29 14.08
CA TRP A 253 -11.02 14.24 13.42
C TRP A 253 -12.40 14.24 14.05
N GLN A 254 -13.41 14.29 13.21
CA GLN A 254 -14.78 14.45 13.67
C GLN A 254 -15.70 13.41 13.09
N CYS A 255 -16.63 12.94 13.92
CA CYS A 255 -17.65 12.01 13.47
C CYS A 255 -18.94 12.40 14.19
N GLY A 256 -19.87 13.00 13.44
CA GLY A 256 -21.10 13.54 14.02
C GLY A 256 -20.76 14.66 14.96
N GLU A 257 -21.28 14.61 16.18
CA GLU A 257 -21.05 15.68 17.14
C GLU A 257 -19.84 15.44 18.05
N ARG A 258 -19.06 14.39 17.80
CA ARG A 258 -17.90 14.07 18.61
C ARG A 258 -16.61 14.27 17.80
N GLN A 259 -15.55 14.61 18.49
CA GLN A 259 -14.27 14.86 17.86
C GLN A 259 -13.08 14.56 18.73
N LEU A 260 -11.96 14.30 18.05
CA LEU A 260 -10.66 14.25 18.62
C LEU A 260 -9.97 15.53 18.19
N THR A 261 -9.42 16.27 19.16
CA THR A 261 -8.88 17.59 18.84
C THR A 261 -7.38 17.67 19.09
N GLY A 262 -6.68 18.44 18.28
CA GLY A 262 -5.26 18.71 18.48
C GLY A 262 -4.39 17.48 18.39
N LEU A 263 -4.77 16.55 17.51
CA LEU A 263 -3.96 15.34 17.27
C LEU A 263 -2.61 15.67 16.71
N PRO A 264 -1.59 14.86 17.02
CA PRO A 264 -0.30 15.07 16.37
C PRO A 264 -0.34 14.71 14.89
N VAL A 265 0.39 15.47 14.07
CA VAL A 265 0.41 15.28 12.64
C VAL A 265 1.38 14.14 12.34
N PRO A 266 0.89 13.06 11.74
CA PRO A 266 1.77 11.91 11.49
C PRO A 266 2.59 12.09 10.22
N ASN A 267 3.58 11.21 10.07
CA ASN A 267 4.41 11.13 8.88
CA ASN A 267 4.40 11.14 8.86
C ASN A 267 3.79 10.23 7.79
N VAL A 268 2.48 10.33 7.65
CA VAL A 268 1.72 9.72 6.56
C VAL A 268 0.72 10.80 6.11
N PRO A 269 0.14 10.65 4.91
CA PRO A 269 -0.91 11.59 4.49
C PRO A 269 -2.07 11.62 5.46
N LEU A 270 -2.53 12.82 5.80
CA LEU A 270 -3.57 12.96 6.80
C LEU A 270 -4.83 12.26 6.38
N ALA A 271 -5.13 12.26 5.07
CA ALA A 271 -6.32 11.53 4.59
C ALA A 271 -6.29 10.08 5.01
N ASN A 272 -5.13 9.46 4.97
CA ASN A 272 -4.99 8.04 5.30
C ASN A 272 -5.03 7.79 6.77
N ALA A 273 -4.38 8.66 7.55
CA ALA A 273 -4.56 8.61 8.98
C ALA A 273 -6.05 8.78 9.38
N ALA A 274 -6.78 9.65 8.68
CA ALA A 274 -8.20 9.89 9.01
C ALA A 274 -9.05 8.66 8.69
N THR A 275 -8.74 8.02 7.55
CA THR A 275 -9.42 6.76 7.21
C THR A 275 -9.17 5.73 8.26
N ALA A 276 -7.93 5.65 8.73
CA ALA A 276 -7.57 4.72 9.83
C ALA A 276 -8.37 4.99 11.08
N LEU A 277 -8.45 6.27 11.49
CA LEU A 277 -9.30 6.58 12.65
C LEU A 277 -10.79 6.21 12.46
N ALA A 278 -11.29 6.35 11.24
CA ALA A 278 -12.66 5.95 10.95
C ALA A 278 -12.84 4.45 11.11
N VAL A 279 -11.89 3.69 10.56
CA VAL A 279 -11.91 2.22 10.77
C VAL A 279 -11.93 1.84 12.24
N LEU A 280 -11.03 2.45 13.00
CA LEU A 280 -10.94 2.22 14.42
C LEU A 280 -12.21 2.62 15.14
N HIS A 281 -12.75 3.77 14.76
CA HIS A 281 -14.03 4.21 15.35
C HIS A 281 -15.16 3.19 15.11
N TYR A 282 -15.38 2.82 13.85
CA TYR A 282 -16.47 1.91 13.54
C TYR A 282 -16.25 0.50 14.00
N SER A 283 -15.00 0.10 14.24
CA SER A 283 -14.73 -1.22 14.87
C SER A 283 -15.27 -1.35 16.28
N GLU A 284 -15.45 -0.21 16.96
CA GLU A 284 -15.84 -0.14 18.36
C GLU A 284 -14.80 -0.68 19.35
N LEU A 285 -13.55 -0.86 18.89
CA LEU A 285 -12.47 -1.22 19.82
C LEU A 285 -12.22 -0.11 20.84
N PRO A 286 -11.98 -0.47 22.11
CA PRO A 286 -11.57 0.50 23.14
C PRO A 286 -10.13 0.95 22.93
N LEU A 287 -9.91 2.25 22.84
CA LEU A 287 -8.60 2.83 22.49
C LEU A 287 -8.43 4.13 23.26
N SER A 288 -7.33 4.22 23.97
CA SER A 288 -7.03 5.34 24.83
C SER A 288 -6.55 6.50 23.99
N ASP A 289 -6.63 7.69 24.57
CA ASP A 289 -6.00 8.88 23.98
C ASP A 289 -4.49 8.61 23.75
N GLU A 290 -3.83 7.95 24.71
CA GLU A 290 -2.39 7.71 24.64
C GLU A 290 -2.07 6.83 23.42
N ALA A 291 -2.87 5.81 23.20
CA ALA A 291 -2.66 4.86 22.08
C ALA A 291 -2.82 5.51 20.71
N ILE A 292 -3.83 6.38 20.59
CA ILE A 292 -4.04 7.12 19.37
C ILE A 292 -2.89 8.06 19.09
N ARG A 293 -2.46 8.82 20.11
CA ARG A 293 -1.43 9.83 19.89
C ARG A 293 -0.05 9.19 19.63
N GLN A 294 0.24 8.14 20.37
CA GLN A 294 1.51 7.44 20.22
C GLN A 294 1.58 6.77 18.86
N GLY A 295 0.47 6.13 18.43
CA GLY A 295 0.40 5.51 17.10
C GLY A 295 0.57 6.50 15.99
N LEU A 296 -0.11 7.64 16.08
CA LEU A 296 0.05 8.69 15.07
C LEU A 296 1.48 9.20 15.01
N GLN A 297 2.12 9.33 16.16
CA GLN A 297 3.50 9.80 16.20
C GLN A 297 4.50 8.77 15.61
N ALA A 298 4.15 7.49 15.70
CA ALA A 298 5.02 6.41 15.24
C ALA A 298 4.82 6.06 13.75
N ALA A 299 3.63 6.31 13.19
CA ALA A 299 3.21 5.76 11.89
C ALA A 299 4.13 6.24 10.77
N SER A 300 4.62 5.33 9.93
CA SER A 300 5.41 5.70 8.76
C SER A 300 5.69 4.41 8.04
N LEU A 301 6.02 4.51 6.77
CA LEU A 301 6.39 3.34 5.99
C LEU A 301 7.52 3.72 5.08
N PRO A 302 8.49 2.81 4.92
CA PRO A 302 9.62 3.05 4.02
C PRO A 302 9.14 3.30 2.59
N GLY A 303 9.74 4.27 1.93
CA GLY A 303 9.39 4.54 0.54
C GLY A 303 8.11 5.35 0.35
N ARG A 304 7.51 5.85 1.45
CA ARG A 304 6.32 6.71 1.39
C ARG A 304 6.73 8.07 1.88
N PHE A 305 7.12 8.91 0.94
CA PHE A 305 7.71 10.21 1.25
C PHE A 305 8.76 10.11 2.34
N GLN A 306 9.73 9.25 2.10
CA GLN A 306 10.75 8.94 3.07
C GLN A 306 11.97 9.80 2.85
N VAL A 307 12.25 10.65 3.82
CA VAL A 307 13.48 11.46 3.82
C VAL A 307 14.65 10.58 4.25
N VAL A 308 15.66 10.46 3.38
CA VAL A 308 16.82 9.64 3.64
C VAL A 308 18.08 10.48 3.91
N SER A 309 18.08 11.71 3.47
CA SER A 309 19.21 12.57 3.69
C SER A 309 18.81 14.00 3.54
N GLU A 310 19.73 14.86 3.98
CA GLU A 310 19.56 16.31 3.91
C GLU A 310 20.78 17.01 3.32
N GLN A 311 20.51 18.17 2.74
CA GLN A 311 21.53 19.02 2.16
C GLN A 311 22.47 18.30 1.22
N PRO A 312 21.94 17.73 0.13
CA PRO A 312 20.57 17.94 -0.34
C PRO A 312 19.55 16.98 0.23
N LEU A 313 18.29 17.39 0.17
CA LEU A 313 17.20 16.54 0.66
C LEU A 313 17.02 15.40 -0.34
N LEU A 314 17.07 14.17 0.14
CA LEU A 314 16.86 13.00 -0.69
C LEU A 314 15.60 12.33 -0.16
N ILE A 315 14.60 12.23 -1.03
CA ILE A 315 13.30 11.62 -0.69
C ILE A 315 13.03 10.44 -1.60
N LEU A 316 12.57 9.34 -1.02
CA LEU A 316 12.14 8.18 -1.75
C LEU A 316 10.64 8.06 -1.68
N ASP A 317 9.99 7.92 -2.84
CA ASP A 317 8.53 7.77 -2.84
C ASP A 317 8.03 6.90 -3.98
N VAL A 318 7.24 5.91 -3.62
CA VAL A 318 6.81 4.89 -4.57
C VAL A 318 5.67 5.32 -5.49
N ALA A 319 5.31 6.61 -5.53
CA ALA A 319 4.24 7.13 -6.37
C ALA A 319 4.36 6.62 -7.80
N HIS A 320 3.25 6.12 -8.37
CA HIS A 320 3.32 5.61 -9.74
C HIS A 320 2.04 5.85 -10.55
N ASN A 321 1.29 6.87 -10.17
CA ASN A 321 0.13 7.33 -10.94
C ASN A 321 -0.14 8.81 -10.69
N PRO A 322 -1.03 9.40 -11.45
CA PRO A 322 -1.19 10.86 -11.26
C PRO A 322 -1.72 11.32 -9.88
N HIS A 323 -2.59 10.54 -9.26
CA HIS A 323 -3.12 10.86 -7.95
C HIS A 323 -2.00 10.87 -6.89
N ALA A 324 -1.12 9.88 -6.93
CA ALA A 324 0.03 9.78 -6.02
C ALA A 324 0.99 10.92 -6.33
N ALA A 325 1.18 11.19 -7.62
CA ALA A 325 2.06 12.27 -8.04
C ALA A 325 1.55 13.64 -7.55
N ARG A 326 0.24 13.83 -7.51
CA ARG A 326 -0.34 15.08 -7.04
C ARG A 326 0.02 15.32 -5.58
N TYR A 327 -0.06 14.28 -4.77
CA TYR A 327 0.29 14.42 -3.35
C TYR A 327 1.75 14.72 -3.24
N LEU A 328 2.56 14.07 -4.05
CA LEU A 328 3.98 14.29 -3.99
C LEU A 328 4.32 15.74 -4.34
N VAL A 329 3.71 16.26 -5.40
CA VAL A 329 3.87 17.68 -5.84
C VAL A 329 3.47 18.65 -4.73
N ASN A 330 2.34 18.39 -4.10
CA ASN A 330 1.91 19.22 -2.96
C ASN A 330 2.90 19.22 -1.80
N ARG A 331 3.43 18.04 -1.44
CA ARG A 331 4.45 17.95 -0.38
C ARG A 331 5.74 18.64 -0.77
N LEU A 332 6.16 18.44 -2.00
CA LEU A 332 7.39 19.07 -2.46
C LEU A 332 7.26 20.59 -2.36
N ALA A 333 6.09 21.12 -2.68
CA ALA A 333 5.84 22.58 -2.64
C ALA A 333 6.11 23.15 -1.24
N GLN A 334 5.75 22.41 -0.19
CA GLN A 334 5.99 22.91 1.15
C GLN A 334 7.37 22.62 1.77
N VAL A 335 8.16 21.71 1.19
CA VAL A 335 9.58 21.60 1.56
C VAL A 335 10.46 22.45 0.62
N ILE A 336 9.81 23.28 -0.22
CA ILE A 336 10.46 24.23 -1.15
C ILE A 336 11.80 23.73 -1.72
N GLY A 345 16.84 26.68 -5.09
CA GLY A 345 16.98 25.22 -5.11
C GLY A 345 16.15 24.52 -6.18
N LYS A 346 16.70 23.45 -6.76
CA LYS A 346 16.02 22.76 -7.85
C LYS A 346 15.49 21.43 -7.36
N VAL A 347 14.42 20.97 -7.97
CA VAL A 347 13.94 19.60 -7.71
C VAL A 347 14.43 18.72 -8.86
N ARG A 348 15.16 17.67 -8.50
CA ARG A 348 15.71 16.71 -9.44
C ARG A 348 15.02 15.39 -9.24
N ALA A 349 14.39 14.82 -10.28
CA ALA A 349 13.64 13.58 -10.09
C ALA A 349 14.35 12.45 -10.80
N VAL A 350 14.51 11.34 -10.09
CA VAL A 350 15.06 10.11 -10.61
C VAL A 350 13.89 9.21 -10.77
N VAL A 351 13.60 8.84 -12.01
CA VAL A 351 12.37 8.15 -12.34
C VAL A 351 12.57 6.89 -13.17
N GLY A 352 11.83 5.86 -12.78
CA GLY A 352 11.68 4.63 -13.54
C GLY A 352 10.25 4.18 -13.33
N MET A 353 9.60 3.67 -14.36
CA MET A 353 8.20 3.19 -14.27
C MET A 353 7.94 1.90 -15.03
N LEU A 354 6.87 1.20 -14.68
CA LEU A 354 6.42 0.09 -15.50
C LEU A 354 5.69 0.62 -16.74
N SER A 355 5.79 -0.11 -17.86
CA SER A 355 5.24 0.33 -19.12
C SER A 355 3.72 0.41 -19.16
N ASP A 356 3.03 -0.33 -18.31
CA ASP A 356 1.56 -0.28 -18.32
C ASP A 356 0.91 0.79 -17.43
N LYS A 357 1.72 1.64 -16.82
CA LYS A 357 1.19 2.74 -16.05
C LYS A 357 0.74 3.89 -16.92
N ASP A 358 0.03 4.83 -16.31
CA ASP A 358 -0.27 6.11 -16.96
C ASP A 358 0.98 6.99 -16.85
N ILE A 359 1.94 6.71 -17.72
CA ILE A 359 3.22 7.42 -17.69
C ILE A 359 3.05 8.88 -18.06
N ALA A 360 2.31 9.15 -19.14
CA ALA A 360 2.08 10.53 -19.59
C ALA A 360 1.46 11.37 -18.46
N GLY A 361 0.43 10.82 -17.80
CA GLY A 361 -0.26 11.57 -16.73
C GLY A 361 0.60 11.80 -15.50
N THR A 362 1.35 10.78 -15.11
CA THR A 362 2.16 10.85 -13.91
C THR A 362 3.27 11.85 -14.11
N LEU A 363 3.92 11.76 -15.25
CA LEU A 363 5.04 12.69 -15.56
C LEU A 363 4.55 14.14 -15.81
N ALA A 364 3.34 14.31 -16.36
CA ALA A 364 2.78 15.65 -16.55
C ALA A 364 2.54 16.29 -15.17
N CYS A 365 2.02 15.50 -14.23
CA CYS A 365 1.74 15.98 -12.90
C CYS A 365 3.04 16.35 -12.17
N LEU A 366 4.01 15.42 -12.17
CA LEU A 366 5.29 15.67 -11.49
C LEU A 366 5.98 16.87 -12.06
N SER A 367 5.81 17.07 -13.38
CA SER A 367 6.43 18.17 -14.11
C SER A 367 6.03 19.55 -13.64
N GLU A 368 4.92 19.63 -12.92
CA GLU A 368 4.52 20.87 -12.26
C GLU A 368 5.55 21.37 -11.28
N ARG A 369 6.30 20.46 -10.65
CA ARG A 369 7.30 20.85 -9.63
C ARG A 369 8.73 20.39 -9.94
N VAL A 370 8.91 19.35 -10.75
CA VAL A 370 10.25 18.86 -11.08
C VAL A 370 10.95 19.76 -12.10
N ASP A 371 12.17 20.12 -11.77
CA ASP A 371 12.98 21.02 -12.61
C ASP A 371 13.88 20.24 -13.58
N GLU A 372 14.42 19.12 -13.10
CA GLU A 372 15.44 18.36 -13.83
C GLU A 372 15.14 16.86 -13.74
N TRP A 373 15.16 16.19 -14.89
CA TRP A 373 14.77 14.82 -14.98
C TRP A 373 15.94 13.90 -15.27
N TYR A 374 15.97 12.80 -14.55
CA TYR A 374 16.95 11.72 -14.64
C TYR A 374 16.19 10.41 -14.81
N CYS A 375 16.11 9.96 -16.06
CA CYS A 375 15.28 8.83 -16.44
C CYS A 375 16.12 7.57 -16.58
N ALA A 376 15.57 6.47 -16.10
CA ALA A 376 16.23 5.19 -16.19
C ALA A 376 15.22 4.15 -16.59
N PRO A 377 15.72 3.06 -17.23
CA PRO A 377 14.87 1.93 -17.54
C PRO A 377 14.68 1.09 -16.33
N LEU A 378 13.60 0.34 -16.32
CA LEU A 378 13.42 -0.80 -15.44
C LEU A 378 13.49 -2.07 -16.30
N GLU A 379 14.07 -3.11 -15.71
CA GLU A 379 14.37 -4.37 -16.37
C GLU A 379 13.12 -5.14 -16.69
N GLY A 380 13.21 -5.94 -17.73
CA GLY A 380 12.19 -6.93 -18.05
C GLY A 380 11.21 -6.37 -19.07
N PRO A 381 10.37 -7.25 -19.63
CA PRO A 381 9.37 -6.81 -20.59
C PRO A 381 8.33 -5.88 -19.94
N ARG A 382 8.18 -5.92 -18.60
CA ARG A 382 7.17 -5.07 -17.94
C ARG A 382 7.69 -3.65 -17.63
N GLY A 383 8.99 -3.45 -17.76
CA GLY A 383 9.63 -2.20 -17.37
C GLY A 383 9.70 -1.24 -18.54
N ALA A 384 9.45 0.05 -18.30
CA ALA A 384 9.56 1.04 -19.38
C ALA A 384 11.05 1.34 -19.58
N SER A 385 11.44 1.58 -20.83
CA SER A 385 12.78 2.08 -21.12
C SER A 385 12.91 3.54 -20.67
N ALA A 386 14.14 4.03 -20.53
CA ALA A 386 14.36 5.45 -20.24
C ALA A 386 13.80 6.32 -21.39
N GLY A 387 13.87 5.82 -22.62
CA GLY A 387 13.32 6.52 -23.81
C GLY A 387 11.81 6.64 -23.78
N GLN A 388 11.14 5.64 -23.22
CA GLN A 388 9.70 5.69 -23.09
C GLN A 388 9.28 6.77 -22.09
N LEU A 389 10.05 6.96 -21.03
CA LEU A 389 9.82 8.08 -20.12
C LEU A 389 10.15 9.42 -20.78
N ALA A 390 11.33 9.49 -21.39
CA ALA A 390 11.83 10.74 -21.97
C ALA A 390 10.95 11.31 -23.07
N GLU A 391 10.20 10.45 -23.79
CA GLU A 391 9.35 10.93 -24.90
C GLU A 391 8.23 11.86 -24.41
N HIS A 392 7.91 11.76 -23.13
CA HIS A 392 6.93 12.62 -22.50
C HIS A 392 7.51 13.91 -21.88
N LEU A 393 8.83 14.11 -22.00
CA LEU A 393 9.51 15.20 -21.28
C LEU A 393 10.23 16.02 -22.31
N VAL A 394 10.82 17.15 -21.90
CA VAL A 394 11.55 17.97 -22.88
C VAL A 394 13.05 17.81 -22.73
N SER A 395 13.56 18.01 -21.53
CA SER A 395 15.01 18.14 -21.33
C SER A 395 15.70 16.90 -20.72
N ALA A 396 15.08 15.73 -20.83
CA ALA A 396 15.41 14.61 -19.93
C ALA A 396 16.77 13.95 -20.23
N ARG A 397 17.48 13.67 -19.15
CA ARG A 397 18.67 12.83 -19.17
C ARG A 397 18.24 11.38 -19.15
N GLN A 398 18.97 10.54 -19.87
CA GLN A 398 18.72 9.11 -19.85
C GLN A 398 19.95 8.37 -19.37
N PHE A 399 19.76 7.40 -18.50
CA PHE A 399 20.85 6.62 -17.91
C PHE A 399 20.62 5.15 -18.12
N SER A 400 21.67 4.37 -17.86
CA SER A 400 21.67 2.91 -18.08
C SER A 400 20.87 2.14 -17.04
N ASP A 401 20.79 2.69 -15.83
CA ASP A 401 20.04 2.08 -14.76
C ASP A 401 19.74 3.12 -13.69
N VAL A 402 18.88 2.73 -12.77
CA VAL A 402 18.39 3.69 -11.78
C VAL A 402 19.51 4.17 -10.85
N GLU A 403 20.34 3.25 -10.37
CA GLU A 403 21.48 3.65 -9.51
C GLU A 403 22.36 4.70 -10.16
N THR A 404 22.65 4.51 -11.44
CA THR A 404 23.49 5.47 -12.15
C THR A 404 22.85 6.86 -12.25
N ALA A 405 21.56 6.88 -12.57
CA ALA A 405 20.74 8.10 -12.61
C ALA A 405 20.79 8.81 -11.26
N TRP A 406 20.55 8.03 -10.22
CA TRP A 406 20.51 8.56 -8.86
C TRP A 406 21.88 9.14 -8.48
N ARG A 407 22.95 8.42 -8.78
CA ARG A 407 24.28 8.91 -8.42
C ARG A 407 24.59 10.21 -9.13
N GLN A 408 24.15 10.33 -10.37
CA GLN A 408 24.41 11.57 -11.13
C GLN A 408 23.59 12.73 -10.55
N ALA A 409 22.30 12.47 -10.23
CA ALA A 409 21.51 13.48 -9.55
C ALA A 409 22.17 13.95 -8.25
N MET A 410 22.72 13.05 -7.45
CA MET A 410 23.31 13.45 -6.18
C MET A 410 24.59 14.25 -6.44
N GLN A 411 25.33 13.87 -7.48
CA GLN A 411 26.55 14.63 -7.84
C GLN A 411 26.17 16.01 -8.29
N ASP A 412 25.11 16.11 -9.09
CA ASP A 412 24.67 17.40 -9.65
C ASP A 412 24.10 18.29 -8.56
N ALA A 413 23.52 17.69 -7.52
CA ALA A 413 22.72 18.43 -6.54
C ALA A 413 23.54 19.45 -5.73
N ASP A 414 23.01 20.66 -5.59
CA ASP A 414 23.50 21.63 -4.62
C ASP A 414 22.85 21.32 -3.27
N THR A 415 23.39 21.92 -2.21
CA THR A 415 22.88 21.67 -0.87
C THR A 415 21.40 22.07 -0.71
N GLN A 416 20.95 23.06 -1.48
CA GLN A 416 19.57 23.56 -1.41
C GLN A 416 18.59 22.76 -2.29
N ASP A 417 19.10 21.79 -3.05
CA ASP A 417 18.25 20.99 -3.96
C ASP A 417 17.48 19.91 -3.21
N VAL A 418 16.50 19.37 -3.91
CA VAL A 418 15.77 18.18 -3.48
C VAL A 418 15.90 17.15 -4.59
N VAL A 419 16.28 15.92 -4.23
CA VAL A 419 16.34 14.83 -5.18
C VAL A 419 15.22 13.87 -4.75
N ILE A 420 14.31 13.59 -5.66
CA ILE A 420 13.20 12.69 -5.38
C ILE A 420 13.31 11.50 -6.29
N VAL A 421 13.27 10.32 -5.70
CA VAL A 421 13.36 9.08 -6.44
C VAL A 421 11.95 8.52 -6.43
N CYS A 422 11.39 8.29 -7.62
CA CYS A 422 9.96 7.92 -7.68
C CYS A 422 9.60 7.14 -8.94
N GLY A 423 8.33 6.77 -9.08
CA GLY A 423 7.84 6.17 -10.32
C GLY A 423 7.38 4.75 -10.16
N SER A 424 7.95 4.05 -9.19
CA SER A 424 7.74 2.63 -9.03
C SER A 424 8.34 2.14 -7.74
N PHE A 425 7.79 1.07 -7.19
CA PHE A 425 8.47 0.35 -6.13
C PHE A 425 9.90 -0.04 -6.55
N HIS A 426 10.05 -0.43 -7.82
CA HIS A 426 11.34 -0.92 -8.30
C HIS A 426 12.41 0.18 -8.26
N THR A 427 12.02 1.39 -8.60
CA THR A 427 12.93 2.51 -8.67
C THR A 427 13.46 2.85 -7.29
N VAL A 428 12.51 2.93 -6.34
CA VAL A 428 12.82 3.16 -4.96
C VAL A 428 13.67 2.04 -4.42
N ALA A 429 13.28 0.78 -4.68
CA ALA A 429 14.06 -0.36 -4.20
C ALA A 429 15.54 -0.31 -4.72
N HIS A 430 15.75 0.06 -6.00
CA HIS A 430 17.13 0.12 -6.54
C HIS A 430 17.99 1.12 -5.75
N VAL A 431 17.41 2.26 -5.37
CA VAL A 431 18.14 3.24 -4.58
C VAL A 431 18.31 2.80 -3.14
N MET A 432 17.30 2.13 -2.59
CA MET A 432 17.47 1.64 -1.23
C MET A 432 18.59 0.59 -1.15
N ALA A 433 18.68 -0.26 -2.19
CA ALA A 433 19.72 -1.30 -2.27
C ALA A 433 21.09 -0.63 -2.41
N ALA A 434 21.19 0.40 -3.25
CA ALA A 434 22.44 1.15 -3.41
C ALA A 434 22.87 1.79 -2.10
N LEU A 435 21.92 2.32 -1.35
CA LEU A 435 22.19 2.95 -0.04
C LEU A 435 22.34 1.95 1.11
N HIS A 436 22.08 0.66 0.82
CA HIS A 436 22.15 -0.41 1.84
C HIS A 436 21.24 -0.16 3.07
N LEU A 437 20.04 0.36 2.79
CA LEU A 437 19.01 0.51 3.82
C LEU A 437 18.41 -0.86 4.18
#